data_6A1D
#
_entry.id   6A1D
#
_cell.length_a   85.437
_cell.length_b   139.487
_cell.length_c   110.930
_cell.angle_alpha   90.000
_cell.angle_beta   90.000
_cell.angle_gamma   90.000
#
_symmetry.space_group_name_H-M   'C 2 2 21'
#
loop_
_entity.id
_entity.type
_entity.pdbx_description
1 polymer 'Sesquisabinene B synthase 1'
2 non-polymer '[bis(chloranyl)-[oxidanyl-[(2~{E},6~{E})-3,7,11-trimethyldodeca-2,6,10-trienoxy]phosphoryl]methyl]phosphonic acid'
3 non-polymer 'MAGNESIUM ION'
4 non-polymer 'SULFATE ION'
5 water water
#
_entity_poly.entity_id   1
_entity_poly.type   'polypeptide(L)'
_entity_poly.pdbx_seq_one_letter_code
;MDLCQIPPTSPISPSVPFNGDDSSVVRRSANYPANLWDYDFLQSLGRHSSVTEEHVGLAEKLKGEVKSLITGPMEPLAKL
EFIDSVRRLGLKYQFETEMKEALANISKDGYDSWWVDNLRATALRFRLLRENGIFVPQDVFERFQNKETGKFKNELCEDV
KGLLNLYEASFLGWEGEDILDEARTFSTAQLKNVEGKISSPNLAKIVHHALDLPLHWRAIRYEARWFIDIYEDEEDMNPT
LLKYAKLDFNIVQSFHQAEIGRLARWWVGTGLDKLPFARNGLIQSYMYAIGMLFEPHLGEVREMEAKVGALITTIDDVYD
VYGTMEELELFTDITERWDINRVDQLPRNIRMPLLTMFNTSNDIGYWALKERGFNGIPYTAKVWADQLKSYTKEAKWFHE
GHKPTLEEYLENALVSIGFPNLLVTSYLLTVDNPTKEKLDYVDSLPLFVRASCILCRIINDLGTSPDEMERGDNLKSIQC
YMNETGASQEVAREHIEGLVRMWWKRLNKCLFEPSPFTEPFLSFTINVVRGSHFFYQYGDGYGNAESWTKNQGMSVLIHP
ITLDEE
;
_entity_poly.pdbx_strand_id   A
#
# COMPACT_ATOMS: atom_id res chain seq x y z
N ALA A 34 -24.58 11.98 -1.71
CA ALA A 34 -23.51 11.24 -0.98
C ALA A 34 -23.58 9.75 -1.38
N ASN A 35 -23.18 9.47 -2.62
CA ASN A 35 -23.05 8.08 -3.07
C ASN A 35 -21.72 7.91 -3.81
N LEU A 36 -20.94 6.93 -3.36
CA LEU A 36 -19.58 6.76 -3.80
C LEU A 36 -19.55 6.35 -5.27
N TRP A 37 -20.63 5.75 -5.75
CA TRP A 37 -20.65 5.10 -7.06
C TRP A 37 -21.29 6.04 -8.08
N ASP A 38 -21.84 7.17 -7.65
CA ASP A 38 -22.56 8.08 -8.56
C ASP A 38 -21.70 9.20 -9.12
N TYR A 39 -21.56 9.29 -10.45
CA TYR A 39 -20.63 10.25 -11.04
C TYR A 39 -21.19 11.67 -11.03
N ASP A 40 -22.52 11.85 -10.96
CA ASP A 40 -23.02 13.21 -10.74
C ASP A 40 -22.41 13.77 -9.45
N PHE A 41 -22.44 12.94 -8.41
CA PHE A 41 -21.98 13.37 -7.11
C PHE A 41 -20.44 13.52 -7.16
N LEU A 42 -19.76 12.54 -7.76
CA LEU A 42 -18.28 12.59 -7.80
C LEU A 42 -17.82 13.79 -8.63
N GLN A 43 -18.52 14.11 -9.73
CA GLN A 43 -18.04 15.17 -10.59
C GLN A 43 -18.19 16.53 -9.91
N SER A 44 -19.06 16.61 -8.89
CA SER A 44 -19.32 17.83 -8.14
C SER A 44 -18.29 18.02 -7.02
N LEU A 45 -17.61 16.94 -6.66
CA LEU A 45 -16.73 16.90 -5.49
C LEU A 45 -15.57 17.87 -5.74
N GLY A 46 -15.28 18.77 -4.81
CA GLY A 46 -14.20 19.74 -5.00
C GLY A 46 -14.69 21.15 -5.23
N ARG A 47 -15.92 21.31 -5.73
CA ARG A 47 -16.51 22.65 -5.86
C ARG A 47 -16.43 23.37 -4.51
N HIS A 48 -17.04 22.77 -3.49
CA HIS A 48 -17.17 23.34 -2.14
C HIS A 48 -16.26 22.56 -1.17
N SER A 49 -15.64 23.24 -0.23
CA SER A 49 -14.99 22.53 0.87
C SER A 49 -15.29 23.24 2.20
N SER A 50 -15.59 22.47 3.23
CA SER A 50 -15.82 23.02 4.57
C SER A 50 -14.50 23.28 5.29
N VAL A 51 -13.37 23.19 4.57
CA VAL A 51 -12.05 23.53 5.12
C VAL A 51 -11.72 25.00 4.83
N THR A 52 -11.47 25.75 5.90
CA THR A 52 -11.28 27.22 5.88
C THR A 52 -9.78 27.57 5.92
N GLU A 53 -9.46 28.85 5.71
CA GLU A 53 -8.07 29.33 5.91
C GLU A 53 -7.80 29.55 7.40
N GLU A 54 -8.85 29.51 8.22
CA GLU A 54 -8.71 29.51 9.67
C GLU A 54 -8.25 28.12 10.11
N HIS A 55 -8.87 27.10 9.49
CA HIS A 55 -8.43 25.73 9.66
C HIS A 55 -6.95 25.62 9.30
N VAL A 56 -6.52 26.29 8.25
CA VAL A 56 -5.16 26.11 7.78
C VAL A 56 -4.19 26.79 8.75
N GLY A 57 -4.55 27.96 9.26
CA GLY A 57 -3.69 28.64 10.23
C GLY A 57 -3.54 27.87 11.54
N LEU A 58 -4.66 27.38 12.04
CA LEU A 58 -4.72 26.51 13.22
C LEU A 58 -3.80 25.29 13.07
N ALA A 59 -3.89 24.67 11.90
CA ALA A 59 -3.06 23.50 11.59
C ALA A 59 -1.58 23.88 11.64
N GLU A 60 -1.20 25.02 11.09
CA GLU A 60 0.19 25.45 11.12
C GLU A 60 0.68 25.54 12.57
N LYS A 61 -0.15 26.06 13.47
CA LYS A 61 0.25 26.28 14.88
C LYS A 61 0.35 24.94 15.62
N LEU A 62 -0.63 24.06 15.45
CA LEU A 62 -0.61 22.73 16.03
C LEU A 62 0.59 21.92 15.50
N LYS A 63 0.88 22.05 14.22
CA LYS A 63 2.01 21.30 13.67
C LYS A 63 3.29 21.68 14.40
N GLY A 64 3.39 22.95 14.77
CA GLY A 64 4.60 23.42 15.46
C GLY A 64 4.73 22.86 16.88
N GLU A 65 3.61 22.68 17.56
CA GLU A 65 3.66 22.08 18.89
C GLU A 65 3.92 20.56 18.78
N VAL A 66 3.35 19.91 17.77
CA VAL A 66 3.60 18.51 17.65
C VAL A 66 5.09 18.29 17.36
N LYS A 67 5.63 19.07 16.44
CA LYS A 67 7.04 19.03 16.11
C LYS A 67 7.89 19.19 17.39
N SER A 68 7.49 20.12 18.25
CA SER A 68 8.24 20.37 19.47
C SER A 68 8.09 19.18 20.43
N LEU A 69 6.92 18.58 20.51
CA LEU A 69 6.75 17.41 21.36
C LEU A 69 7.65 16.26 20.90
N ILE A 70 7.78 16.06 19.58
CA ILE A 70 8.60 14.97 19.06
C ILE A 70 10.08 15.20 19.38
N THR A 71 10.54 16.45 19.28
CA THR A 71 11.97 16.82 19.42
C THR A 71 12.28 17.08 20.90
N GLY A 72 11.26 17.36 21.69
CA GLY A 72 11.44 17.82 23.06
C GLY A 72 11.56 16.68 24.06
N PRO A 73 11.64 17.04 25.34
CA PRO A 73 11.91 16.06 26.35
C PRO A 73 10.71 15.15 26.62
N MET A 74 11.05 13.92 26.96
CA MET A 74 10.10 12.92 27.26
C MET A 74 10.92 11.72 27.74
N GLU A 75 10.35 10.87 28.58
CA GLU A 75 10.98 9.58 28.83
C GLU A 75 10.98 8.74 27.54
N PRO A 76 11.98 7.88 27.38
CA PRO A 76 12.23 7.33 26.07
C PRO A 76 11.09 6.42 25.62
N LEU A 77 10.51 5.64 26.52
CA LEU A 77 9.45 4.75 26.08
C LEU A 77 8.26 5.60 25.65
N ALA A 78 7.95 6.61 26.46
CA ALA A 78 6.85 7.52 26.19
C ALA A 78 7.08 8.21 24.83
N LYS A 79 8.33 8.55 24.56
CA LYS A 79 8.67 9.15 23.28
C LYS A 79 8.40 8.16 22.13
N LEU A 80 8.77 6.88 22.28
CA LEU A 80 8.53 5.88 21.24
C LEU A 80 7.03 5.76 21.00
N GLU A 81 6.26 5.73 22.08
CA GLU A 81 4.82 5.54 21.98
C GLU A 81 4.18 6.76 21.28
N PHE A 82 4.69 7.95 21.57
CA PHE A 82 4.23 9.17 20.93
C PHE A 82 4.53 9.12 19.42
N ILE A 83 5.77 8.77 19.06
CA ILE A 83 6.19 8.70 17.64
C ILE A 83 5.36 7.62 16.92
N ASP A 84 5.07 6.50 17.59
CA ASP A 84 4.23 5.46 16.98
C ASP A 84 2.84 5.99 16.73
N SER A 85 2.31 6.74 17.70
CA SER A 85 0.98 7.36 17.56
C SER A 85 0.97 8.38 16.41
N VAL A 86 1.99 9.24 16.32
CA VAL A 86 2.11 10.15 15.18
C VAL A 86 2.00 9.37 13.84
N ARG A 87 2.76 8.31 13.69
CA ARG A 87 2.76 7.51 12.46
C ARG A 87 1.39 6.90 12.20
N ARG A 88 0.82 6.31 13.22
CA ARG A 88 -0.49 5.61 13.11
C ARG A 88 -1.60 6.58 12.73
N LEU A 89 -1.50 7.82 13.16
CA LEU A 89 -2.49 8.84 12.86
C LEU A 89 -2.28 9.38 11.45
N GLY A 90 -1.31 8.84 10.73
CA GLY A 90 -1.14 9.22 9.31
C GLY A 90 -0.21 10.41 9.13
N LEU A 91 0.64 10.72 10.10
CA LEU A 91 1.29 12.03 10.11
C LEU A 91 2.80 11.93 9.92
N LYS A 92 3.32 10.75 9.74
CA LYS A 92 4.77 10.63 9.57
C LYS A 92 5.24 11.57 8.45
N TYR A 93 4.43 11.77 7.42
CA TYR A 93 4.84 12.60 6.29
C TYR A 93 5.13 14.04 6.72
N GLN A 94 4.54 14.50 7.82
CA GLN A 94 4.67 15.89 8.27
C GLN A 94 5.91 16.06 9.17
N PHE A 95 6.50 14.97 9.69
CA PHE A 95 7.48 15.04 10.81
C PHE A 95 8.61 14.02 10.63
N GLU A 96 8.87 13.60 9.39
CA GLU A 96 9.76 12.45 9.23
C GLU A 96 11.15 12.79 9.81
N THR A 97 11.62 14.01 9.60
CA THR A 97 12.96 14.40 10.06
C THR A 97 13.03 14.42 11.59
N GLU A 98 12.04 15.04 12.23
CA GLU A 98 11.99 15.08 13.69
C GLU A 98 11.90 13.67 14.25
N MET A 99 11.12 12.79 13.63
CA MET A 99 10.97 11.43 14.13
C MET A 99 12.30 10.67 14.02
N LYS A 100 12.98 10.83 12.90
CA LYS A 100 14.24 10.13 12.66
C LYS A 100 15.30 10.66 13.63
N GLU A 101 15.37 11.99 13.78
CA GLU A 101 16.27 12.65 14.73
C GLU A 101 16.01 12.17 16.17
N ALA A 102 14.76 12.07 16.58
CA ALA A 102 14.46 11.66 17.94
C ALA A 102 14.79 10.18 18.14
N LEU A 103 14.60 9.34 17.13
CA LEU A 103 14.89 7.91 17.29
C LEU A 103 16.41 7.68 17.26
N ALA A 104 17.10 8.46 16.44
CA ALA A 104 18.56 8.38 16.39
C ALA A 104 19.11 8.70 17.79
N ASN A 105 18.65 9.81 18.38
CA ASN A 105 19.09 10.18 19.73
C ASN A 105 18.89 8.98 20.65
N ILE A 106 17.67 8.45 20.63
CA ILE A 106 17.32 7.33 21.51
C ILE A 106 18.17 6.09 21.17
N SER A 107 18.44 5.82 19.90
CA SER A 107 19.17 4.60 19.55
C SER A 107 20.60 4.66 20.13
N LYS A 108 21.15 5.87 20.22
CA LYS A 108 22.52 6.09 20.70
C LYS A 108 22.49 6.32 22.22
N ASP A 109 22.18 5.29 22.99
CA ASP A 109 21.91 5.50 24.41
C ASP A 109 22.99 4.88 25.29
N GLY A 110 23.10 3.55 25.30
CA GLY A 110 23.94 2.86 26.27
C GLY A 110 23.25 2.78 27.63
N TYR A 111 22.61 3.87 28.03
CA TYR A 111 21.46 3.81 28.92
C TYR A 111 20.36 2.99 28.23
N ASP A 112 20.19 1.76 28.71
CA ASP A 112 19.24 0.86 28.11
C ASP A 112 18.35 0.23 29.18
N SER A 113 18.45 0.71 30.41
CA SER A 113 17.68 0.07 31.50
C SER A 113 16.18 0.19 31.20
N TRP A 114 15.79 1.24 30.49
CA TRP A 114 14.38 1.52 30.26
C TRP A 114 13.74 0.47 29.34
N TRP A 115 14.51 -0.35 28.64
CA TRP A 115 13.85 -1.34 27.76
C TRP A 115 14.31 -2.77 28.06
N VAL A 116 15.58 -2.95 28.41
CA VAL A 116 16.15 -4.30 28.56
C VAL A 116 15.36 -5.06 29.63
N ASP A 117 15.03 -6.30 29.30
CA ASP A 117 14.08 -7.09 30.06
C ASP A 117 12.62 -6.67 30.11
N ASN A 118 12.22 -5.69 29.32
CA ASN A 118 10.81 -5.32 29.23
C ASN A 118 10.33 -5.62 27.79
N LEU A 119 9.48 -6.61 27.62
CA LEU A 119 9.22 -7.16 26.28
C LEU A 119 8.49 -6.07 25.47
N ARG A 120 7.54 -5.41 26.09
CA ARG A 120 6.80 -4.35 25.43
C ARG A 120 7.76 -3.26 24.90
N ALA A 121 8.66 -2.80 25.76
CA ALA A 121 9.61 -1.75 25.43
C ALA A 121 10.61 -2.24 24.38
N THR A 122 11.08 -3.46 24.57
CA THR A 122 12.12 -4.00 23.69
C THR A 122 11.57 -4.10 22.25
N ALA A 123 10.36 -4.63 22.17
CA ALA A 123 9.69 -4.88 20.90
C ALA A 123 9.31 -3.56 20.21
N LEU A 124 8.83 -2.57 20.94
CA LEU A 124 8.48 -1.29 20.32
C LEU A 124 9.74 -0.62 19.77
N ARG A 125 10.79 -0.61 20.59
CA ARG A 125 12.05 -0.01 20.18
C ARG A 125 12.56 -0.68 18.89
N PHE A 126 12.59 -2.01 18.90
CA PHE A 126 13.07 -2.80 17.79
C PHE A 126 12.35 -2.37 16.51
N ARG A 127 11.02 -2.30 16.60
CA ARG A 127 10.25 -1.97 15.41
C ARG A 127 10.50 -0.52 14.98
N LEU A 128 10.35 0.48 15.86
CA LEU A 128 10.42 1.85 15.38
C LEU A 128 11.81 2.17 14.85
N LEU A 129 12.86 1.60 15.48
CA LEU A 129 14.22 1.78 14.96
C LEU A 129 14.34 1.12 13.58
N ARG A 130 13.94 -0.13 13.41
CA ARG A 130 14.07 -0.72 12.06
C ARG A 130 13.23 0.05 11.01
N GLU A 131 12.05 0.52 11.38
CA GLU A 131 11.19 1.23 10.42
C GLU A 131 11.87 2.50 9.91
N ASN A 132 12.81 3.03 10.71
CA ASN A 132 13.37 4.35 10.50
C ASN A 132 14.85 4.20 10.18
N GLY A 133 15.23 2.99 9.74
CA GLY A 133 16.53 2.77 9.14
C GLY A 133 17.65 2.62 10.17
N ILE A 134 17.29 2.29 11.41
CA ILE A 134 18.30 2.03 12.46
C ILE A 134 18.26 0.55 12.83
N PHE A 135 19.36 -0.14 12.55
CA PHE A 135 19.36 -1.59 12.70
C PHE A 135 19.32 -2.00 14.16
N VAL A 136 18.46 -2.96 14.46
CA VAL A 136 18.46 -3.64 15.74
C VAL A 136 18.49 -5.14 15.45
N PRO A 137 19.40 -5.87 16.10
CA PRO A 137 19.48 -7.30 15.89
C PRO A 137 18.31 -8.08 16.52
N GLN A 138 17.93 -9.20 15.92
CA GLN A 138 16.91 -10.04 16.49
C GLN A 138 17.30 -10.55 17.88
N ASP A 139 18.59 -10.68 18.17
CA ASP A 139 18.92 -11.22 19.49
C ASP A 139 18.47 -10.39 20.71
N VAL A 140 17.90 -9.18 20.52
CA VAL A 140 17.27 -8.47 21.65
C VAL A 140 16.14 -9.32 22.24
N PHE A 141 15.65 -10.32 21.52
CA PHE A 141 14.49 -11.05 21.97
C PHE A 141 14.94 -12.40 22.60
N GLU A 142 16.23 -12.68 22.54
CA GLU A 142 16.75 -13.99 23.00
C GLU A 142 16.49 -14.20 24.50
N ARG A 143 16.55 -13.12 25.28
CA ARG A 143 16.38 -13.27 26.72
C ARG A 143 14.94 -13.68 27.06
N PHE A 144 13.99 -13.56 26.12
CA PHE A 144 12.61 -13.96 26.41
C PHE A 144 12.34 -15.38 25.92
N GLN A 145 13.36 -16.02 25.36
CA GLN A 145 13.21 -17.41 24.97
C GLN A 145 13.80 -18.34 26.05
N ASN A 146 13.29 -19.57 26.09
CA ASN A 146 13.92 -20.68 26.79
C ASN A 146 15.17 -21.10 26.01
N LYS A 147 16.33 -21.08 26.65
CA LYS A 147 17.62 -21.26 25.95
C LYS A 147 17.74 -22.69 25.38
N GLU A 148 16.95 -23.64 25.86
CA GLU A 148 16.97 -25.01 25.33
C GLU A 148 16.11 -25.11 24.05
N THR A 149 14.82 -24.81 24.18
CA THR A 149 13.83 -25.16 23.15
C THR A 149 13.81 -24.10 22.05
N GLY A 150 14.23 -22.90 22.37
CA GLY A 150 14.10 -21.79 21.43
C GLY A 150 12.69 -21.23 21.41
N LYS A 151 11.84 -21.75 22.30
CA LYS A 151 10.45 -21.31 22.42
C LYS A 151 10.37 -20.09 23.35
N PHE A 152 9.49 -19.16 23.04
CA PHE A 152 9.31 -18.03 23.92
C PHE A 152 8.72 -18.52 25.26
N LYS A 153 9.02 -17.80 26.33
CA LYS A 153 8.69 -18.24 27.70
C LYS A 153 7.17 -18.12 27.94
N ASN A 154 6.61 -19.13 28.59
CA ASN A 154 5.16 -19.15 28.75
C ASN A 154 4.70 -18.02 29.69
N GLU A 155 5.61 -17.46 30.48
CA GLU A 155 5.26 -16.34 31.37
C GLU A 155 4.89 -15.08 30.56
N LEU A 156 5.09 -15.11 29.25
CA LEU A 156 4.78 -13.92 28.45
C LEU A 156 3.33 -14.00 28.01
N CYS A 157 2.71 -15.16 28.26
CA CYS A 157 1.43 -15.54 27.69
C CYS A 157 0.32 -14.62 28.20
N GLU A 158 0.61 -13.76 29.16
CA GLU A 158 -0.44 -12.93 29.76
C GLU A 158 0.00 -11.47 29.86
N ASP A 159 1.08 -11.12 29.15
CA ASP A 159 1.47 -9.73 28.94
C ASP A 159 0.91 -9.27 27.58
N VAL A 160 -0.29 -8.67 27.57
CA VAL A 160 -0.98 -8.44 26.31
C VAL A 160 -0.24 -7.41 25.47
N LYS A 161 0.21 -6.34 26.12
CA LYS A 161 0.83 -5.27 25.36
C LYS A 161 2.20 -5.70 24.85
N GLY A 162 2.90 -6.53 25.63
CA GLY A 162 4.18 -7.12 25.22
C GLY A 162 4.00 -8.02 24.01
N LEU A 163 3.00 -8.89 24.06
CA LEU A 163 2.72 -9.80 22.98
C LEU A 163 2.36 -9.01 21.71
N LEU A 164 1.55 -7.97 21.88
CA LEU A 164 1.11 -7.16 20.74
C LEU A 164 2.32 -6.49 20.08
N ASN A 165 3.19 -5.90 20.89
CA ASN A 165 4.36 -5.21 20.38
C ASN A 165 5.32 -6.21 19.72
N LEU A 166 5.42 -7.42 20.27
CA LEU A 166 6.25 -8.45 19.70
C LEU A 166 5.70 -8.90 18.35
N TYR A 167 4.40 -9.13 18.29
CA TYR A 167 3.73 -9.48 17.03
C TYR A 167 4.02 -8.41 15.97
N GLU A 168 3.77 -7.15 16.31
CA GLU A 168 3.94 -6.06 15.30
C GLU A 168 5.41 -5.98 14.86
N ALA A 169 6.33 -6.10 15.83
CA ALA A 169 7.81 -6.06 15.54
C ALA A 169 8.24 -7.17 14.57
N SER A 170 7.66 -8.35 14.69
CA SER A 170 8.08 -9.54 14.00
C SER A 170 8.01 -9.33 12.48
N PHE A 171 7.07 -8.49 12.05
CA PHE A 171 6.89 -8.25 10.60
C PHE A 171 7.99 -7.32 10.06
N LEU A 172 8.87 -6.78 10.91
CA LEU A 172 10.06 -6.03 10.42
C LEU A 172 11.25 -6.97 10.22
N GLY A 173 11.05 -8.28 10.31
CA GLY A 173 12.17 -9.23 10.20
C GLY A 173 12.60 -9.49 8.76
N TRP A 174 13.79 -10.10 8.67
CA TRP A 174 14.39 -10.48 7.40
C TRP A 174 14.50 -12.01 7.31
N GLU A 175 14.85 -12.45 6.12
CA GLU A 175 15.10 -13.87 5.87
C GLU A 175 16.23 -14.36 6.80
N GLY A 176 16.00 -15.51 7.43
CA GLY A 176 17.03 -16.15 8.26
C GLY A 176 17.00 -15.66 9.68
N GLU A 177 16.11 -14.70 9.99
CA GLU A 177 16.03 -14.20 11.37
C GLU A 177 15.00 -15.02 12.13
N ASP A 178 15.47 -16.20 12.53
CA ASP A 178 14.64 -17.31 13.03
C ASP A 178 13.89 -16.97 14.33
N ILE A 179 14.49 -16.10 15.13
CA ILE A 179 13.86 -15.67 16.37
C ILE A 179 12.60 -14.84 16.04
N LEU A 180 12.66 -14.03 15.00
CA LEU A 180 11.51 -13.23 14.61
C LEU A 180 10.42 -14.10 14.00
N ASP A 181 10.78 -15.14 13.24
CA ASP A 181 9.80 -16.10 12.70
C ASP A 181 9.07 -16.79 13.84
N GLU A 182 9.84 -17.15 14.87
CA GLU A 182 9.26 -17.80 16.05
C GLU A 182 8.37 -16.79 16.79
N ALA A 183 8.84 -15.55 16.90
CA ALA A 183 8.09 -14.47 17.54
C ALA A 183 6.74 -14.28 16.86
N ARG A 184 6.71 -14.31 15.54
CA ARG A 184 5.42 -14.24 14.84
C ARG A 184 4.49 -15.38 15.31
N THR A 185 4.95 -16.60 15.24
CA THR A 185 4.03 -17.73 15.41
C THR A 185 3.57 -17.80 16.88
N PHE A 186 4.51 -17.55 17.78
CA PHE A 186 4.23 -17.46 19.20
C PHE A 186 3.24 -16.33 19.54
N SER A 187 3.55 -15.09 19.16
CA SER A 187 2.66 -13.96 19.49
C SER A 187 1.31 -14.10 18.80
N THR A 188 1.27 -14.67 17.60
CA THR A 188 -0.02 -14.82 16.92
C THR A 188 -0.90 -15.76 17.73
N ALA A 189 -0.35 -16.93 18.07
CA ALA A 189 -1.10 -17.93 18.82
C ALA A 189 -1.50 -17.38 20.20
N GLN A 190 -0.62 -16.66 20.89
CA GLN A 190 -0.95 -16.13 22.22
C GLN A 190 -2.02 -15.04 22.12
N LEU A 191 -1.88 -14.12 21.15
CA LEU A 191 -2.86 -13.05 21.05
C LEU A 191 -4.22 -13.66 20.73
N LYS A 192 -4.26 -14.69 19.87
CA LYS A 192 -5.55 -15.32 19.57
C LYS A 192 -6.15 -15.89 20.87
N ASN A 193 -5.26 -16.44 21.71
CA ASN A 193 -5.70 -17.08 22.96
C ASN A 193 -6.18 -16.01 23.95
N VAL A 194 -5.53 -14.86 24.03
CA VAL A 194 -5.88 -13.95 25.10
C VAL A 194 -6.85 -12.86 24.62
N GLU A 195 -7.14 -12.74 23.32
CA GLU A 195 -7.98 -11.62 22.82
C GLU A 195 -9.23 -11.52 23.70
N GLY A 196 -9.88 -12.65 23.92
CA GLY A 196 -11.17 -12.65 24.64
C GLY A 196 -11.02 -12.41 26.14
N LYS A 197 -9.80 -12.35 26.65
CA LYS A 197 -9.58 -12.16 28.09
C LYS A 197 -9.23 -10.70 28.39
N ILE A 198 -9.14 -9.83 27.39
CA ILE A 198 -8.75 -8.45 27.61
C ILE A 198 -9.93 -7.68 28.22
N SER A 199 -9.64 -6.85 29.23
CA SER A 199 -10.65 -6.04 29.92
C SER A 199 -10.87 -4.70 29.22
N SER A 200 -9.77 -4.08 28.80
CA SER A 200 -9.85 -2.76 28.15
C SER A 200 -10.51 -2.94 26.79
N PRO A 201 -11.68 -2.34 26.57
CA PRO A 201 -12.30 -2.47 25.26
C PRO A 201 -11.41 -1.97 24.12
N ASN A 202 -10.70 -0.87 24.35
CA ASN A 202 -9.85 -0.27 23.35
C ASN A 202 -8.71 -1.23 23.00
N LEU A 203 -8.05 -1.81 24.00
CA LEU A 203 -6.96 -2.72 23.71
C LEU A 203 -7.48 -3.94 22.96
N ALA A 204 -8.69 -4.37 23.30
CA ALA A 204 -9.26 -5.54 22.65
C ALA A 204 -9.47 -5.26 21.16
N LYS A 205 -10.00 -4.08 20.84
CA LYS A 205 -10.21 -3.67 19.44
C LYS A 205 -8.87 -3.64 18.68
N ILE A 206 -7.87 -3.08 19.33
CA ILE A 206 -6.54 -2.99 18.76
C ILE A 206 -5.99 -4.39 18.49
N VAL A 207 -6.10 -5.32 19.44
CA VAL A 207 -5.63 -6.68 19.24
C VAL A 207 -6.41 -7.34 18.09
N HIS A 208 -7.74 -7.20 18.04
CA HIS A 208 -8.53 -7.76 16.96
C HIS A 208 -7.98 -7.26 15.62
N HIS A 209 -7.74 -5.96 15.60
CA HIS A 209 -7.28 -5.26 14.37
C HIS A 209 -5.94 -5.85 13.93
N ALA A 210 -5.03 -6.04 14.90
CA ALA A 210 -3.69 -6.53 14.61
C ALA A 210 -3.77 -7.96 14.06
N LEU A 211 -4.64 -8.80 14.63
CA LEU A 211 -4.70 -10.15 14.15
C LEU A 211 -5.29 -10.18 12.74
N ASP A 212 -6.13 -9.23 12.38
CA ASP A 212 -6.56 -9.15 10.96
C ASP A 212 -5.42 -8.78 9.99
N LEU A 213 -4.68 -7.74 10.31
CA LEU A 213 -3.48 -7.35 9.58
C LEU A 213 -2.53 -6.64 10.56
N PRO A 214 -1.26 -6.99 10.54
CA PRO A 214 -0.30 -6.23 11.32
C PRO A 214 -0.14 -4.81 10.76
N LEU A 215 0.26 -3.90 11.62
CA LEU A 215 0.39 -2.50 11.24
C LEU A 215 1.30 -2.35 10.01
N HIS A 216 2.38 -3.13 9.96
CA HIS A 216 3.37 -3.00 8.90
C HIS A 216 2.73 -3.25 7.53
N TRP A 217 1.65 -4.01 7.49
CA TRP A 217 0.95 -4.37 6.22
C TRP A 217 -0.26 -3.49 5.92
N ARG A 218 -0.54 -2.53 6.77
CA ARG A 218 -1.78 -1.74 6.56
C ARG A 218 -1.54 -0.47 5.76
N ALA A 219 -2.50 -0.09 4.97
CA ALA A 219 -2.42 1.14 4.19
C ALA A 219 -2.54 2.37 5.11
N ILE A 220 -1.61 3.29 4.94
CA ILE A 220 -1.40 4.40 5.86
C ILE A 220 -2.69 5.24 6.02
N ARG A 221 -3.27 5.64 4.92
CA ARG A 221 -4.35 6.64 5.01
C ARG A 221 -5.59 6.03 5.64
N TYR A 222 -5.87 4.77 5.29
CA TYR A 222 -7.03 4.03 5.83
C TYR A 222 -6.85 3.72 7.32
N GLU A 223 -5.65 3.39 7.72
CA GLU A 223 -5.31 3.12 9.12
C GLU A 223 -5.44 4.41 9.92
N ALA A 224 -5.04 5.52 9.32
CA ALA A 224 -5.12 6.82 9.99
C ALA A 224 -6.57 7.16 10.34
N ARG A 225 -7.50 6.90 9.43
CA ARG A 225 -8.85 7.26 9.75
C ARG A 225 -9.37 6.37 10.90
N TRP A 226 -9.04 5.11 10.84
CA TRP A 226 -9.43 4.14 11.89
C TRP A 226 -8.79 4.53 13.23
N PHE A 227 -7.51 4.78 13.21
CA PHE A 227 -6.77 5.05 14.46
C PHE A 227 -7.15 6.40 15.09
N ILE A 228 -7.64 7.35 14.35
CA ILE A 228 -8.04 8.64 14.98
C ILE A 228 -9.12 8.34 16.02
N ASP A 229 -10.11 7.53 15.70
CA ASP A 229 -11.17 7.24 16.65
C ASP A 229 -10.64 6.47 17.83
N ILE A 230 -9.77 5.50 17.59
CA ILE A 230 -9.19 4.66 18.67
C ILE A 230 -8.31 5.55 19.57
N TYR A 231 -7.56 6.43 18.97
CA TYR A 231 -6.60 7.22 19.74
C TYR A 231 -7.33 8.13 20.72
N GLU A 232 -8.44 8.62 20.25
CA GLU A 232 -9.25 9.53 21.08
C GLU A 232 -9.65 8.81 22.37
N ASP A 233 -9.81 7.51 22.32
CA ASP A 233 -10.20 6.73 23.49
C ASP A 233 -9.06 6.13 24.28
N GLU A 234 -7.82 6.42 23.92
CA GLU A 234 -6.65 5.86 24.63
C GLU A 234 -6.41 6.65 25.92
N GLU A 235 -5.90 6.03 26.94
CA GLU A 235 -5.68 6.74 28.23
C GLU A 235 -4.50 7.71 28.10
N ASP A 236 -3.44 7.34 27.39
CA ASP A 236 -2.28 8.19 27.16
C ASP A 236 -2.47 9.27 26.08
N MET A 237 -3.65 9.34 25.47
CA MET A 237 -3.97 10.25 24.36
C MET A 237 -3.51 11.69 24.63
N ASN A 238 -2.82 12.26 23.67
CA ASN A 238 -2.37 13.68 23.73
C ASN A 238 -3.39 14.52 22.98
N PRO A 239 -4.15 15.37 23.66
CA PRO A 239 -5.21 16.09 22.94
C PRO A 239 -4.70 17.02 21.82
N THR A 240 -3.51 17.59 21.98
CA THR A 240 -2.94 18.44 20.94
C THR A 240 -2.72 17.59 19.67
N LEU A 241 -2.09 16.45 19.87
CA LEU A 241 -1.82 15.55 18.74
C LEU A 241 -3.16 15.13 18.11
N LEU A 242 -4.16 14.79 18.91
CA LEU A 242 -5.44 14.31 18.38
C LEU A 242 -6.07 15.40 17.51
N LYS A 243 -6.05 16.63 18.01
CA LYS A 243 -6.64 17.75 17.32
C LYS A 243 -5.93 18.00 15.99
N TYR A 244 -4.60 17.94 16.01
CA TYR A 244 -3.83 18.14 14.79
C TYR A 244 -4.18 17.03 13.80
N ALA A 245 -4.32 15.83 14.31
CA ALA A 245 -4.58 14.67 13.43
C ALA A 245 -5.92 14.83 12.73
N LYS A 246 -6.93 15.33 13.43
CA LYS A 246 -8.24 15.52 12.86
C LYS A 246 -8.20 16.62 11.80
N LEU A 247 -7.52 17.71 12.12
CA LEU A 247 -7.52 18.87 11.28
C LEU A 247 -6.70 18.56 10.02
N ASP A 248 -5.54 17.98 10.23
CA ASP A 248 -4.75 17.59 9.07
C ASP A 248 -5.53 16.61 8.20
N PHE A 249 -6.18 15.63 8.83
CA PHE A 249 -6.94 14.67 8.04
C PHE A 249 -7.93 15.41 7.13
N ASN A 250 -8.75 16.30 7.71
CA ASN A 250 -9.74 17.05 6.94
C ASN A 250 -9.08 17.90 5.83
N ILE A 251 -7.95 18.53 6.08
CA ILE A 251 -7.29 19.36 5.10
C ILE A 251 -6.83 18.45 3.95
N VAL A 252 -6.18 17.33 4.30
CA VAL A 252 -5.71 16.43 3.24
C VAL A 252 -6.93 15.93 2.44
N GLN A 253 -8.00 15.62 3.14
CA GLN A 253 -9.18 15.08 2.50
C GLN A 253 -9.76 16.10 1.50
N SER A 254 -9.60 17.41 1.74
CA SER A 254 -10.11 18.40 0.80
C SER A 254 -9.33 18.35 -0.53
N PHE A 255 -8.04 18.05 -0.50
CA PHE A 255 -7.28 17.86 -1.74
C PHE A 255 -7.81 16.61 -2.49
N HIS A 256 -8.05 15.50 -1.77
CA HIS A 256 -8.56 14.28 -2.38
C HIS A 256 -9.91 14.53 -3.06
N GLN A 257 -10.77 15.32 -2.43
CA GLN A 257 -12.08 15.57 -3.03
C GLN A 257 -11.98 16.36 -4.34
N ALA A 258 -11.04 17.28 -4.42
CA ALA A 258 -10.83 18.05 -5.63
C ALA A 258 -10.20 17.17 -6.71
N GLU A 259 -9.35 16.23 -6.32
CA GLU A 259 -8.81 15.23 -7.26
C GLU A 259 -9.91 14.34 -7.79
N ILE A 260 -10.77 13.86 -6.91
CA ILE A 260 -11.81 12.96 -7.32
C ILE A 260 -12.71 13.67 -8.33
N GLY A 261 -12.99 14.94 -8.08
CA GLY A 261 -13.78 15.77 -8.99
C GLY A 261 -13.21 15.73 -10.41
N ARG A 262 -11.94 16.04 -10.49
CA ARG A 262 -11.25 16.14 -11.76
C ARG A 262 -11.21 14.77 -12.45
N LEU A 263 -10.99 13.70 -11.68
CA LEU A 263 -10.86 12.36 -12.25
C LEU A 263 -12.23 11.85 -12.73
N ALA A 264 -13.29 12.14 -11.99
CA ALA A 264 -14.61 11.69 -12.37
C ALA A 264 -15.05 12.41 -13.65
N ARG A 265 -14.76 13.73 -13.75
CA ARG A 265 -15.06 14.50 -14.97
C ARG A 265 -14.25 13.99 -16.16
N TRP A 266 -13.00 13.67 -15.92
CA TRP A 266 -12.18 13.02 -16.95
C TRP A 266 -12.83 11.71 -17.41
N TRP A 267 -13.19 10.88 -16.45
CA TRP A 267 -13.65 9.51 -16.72
C TRP A 267 -14.97 9.54 -17.49
N VAL A 268 -15.87 10.39 -17.03
CA VAL A 268 -17.12 10.64 -17.80
C VAL A 268 -16.79 11.22 -19.19
N GLY A 269 -15.81 12.11 -19.31
CA GLY A 269 -15.37 12.62 -20.62
C GLY A 269 -14.93 11.50 -21.56
N THR A 270 -14.37 10.43 -21.03
CA THR A 270 -13.83 9.34 -21.86
C THR A 270 -14.95 8.43 -22.38
N GLY A 271 -16.11 8.50 -21.72
CA GLY A 271 -17.24 7.64 -22.06
C GLY A 271 -17.06 6.24 -21.50
N LEU A 272 -15.96 5.95 -20.81
CA LEU A 272 -15.75 4.58 -20.42
C LEU A 272 -16.65 4.24 -19.22
N ASP A 273 -17.23 5.22 -18.55
CA ASP A 273 -18.15 4.92 -17.44
C ASP A 273 -19.39 4.19 -17.95
N LYS A 274 -19.68 4.34 -19.23
CA LYS A 274 -20.92 3.81 -19.81
C LYS A 274 -20.67 2.40 -20.36
N LEU A 275 -19.47 1.86 -20.17
CA LEU A 275 -19.14 0.53 -20.71
C LEU A 275 -19.96 -0.54 -19.99
N PRO A 276 -20.25 -1.64 -20.70
CA PRO A 276 -20.73 -2.88 -20.09
C PRO A 276 -19.95 -3.27 -18.83
N PHE A 277 -18.61 -3.27 -18.88
CA PHE A 277 -17.79 -3.90 -17.84
C PHE A 277 -17.40 -2.88 -16.76
N ALA A 278 -16.32 -3.21 -16.03
CA ALA A 278 -15.54 -2.27 -15.21
C ALA A 278 -16.44 -1.33 -14.39
N ARG A 279 -17.55 -1.85 -13.86
CA ARG A 279 -18.41 -1.01 -13.01
C ARG A 279 -17.57 -0.50 -11.85
N ASN A 280 -17.53 0.82 -11.65
CA ASN A 280 -16.89 1.45 -10.47
C ASN A 280 -15.35 1.42 -10.56
N GLY A 281 -14.77 1.19 -11.74
CA GLY A 281 -13.31 1.12 -11.92
C GLY A 281 -12.58 2.41 -11.54
N LEU A 282 -13.10 3.58 -11.86
CA LEU A 282 -12.42 4.84 -11.54
C LEU A 282 -12.23 4.98 -10.02
N ILE A 283 -13.35 4.89 -9.31
CA ILE A 283 -13.31 5.13 -7.86
C ILE A 283 -12.59 3.97 -7.17
N GLN A 284 -12.66 2.74 -7.65
CA GLN A 284 -11.83 1.61 -7.12
C GLN A 284 -10.35 1.94 -7.33
N SER A 285 -10.00 2.44 -8.52
CA SER A 285 -8.62 2.75 -8.80
C SER A 285 -8.14 3.83 -7.85
N TYR A 286 -8.98 4.85 -7.67
CA TYR A 286 -8.56 5.99 -6.86
C TYR A 286 -8.36 5.56 -5.40
N MET A 287 -9.25 4.69 -4.92
CA MET A 287 -9.14 4.20 -3.55
C MET A 287 -7.86 3.39 -3.35
N TYR A 288 -7.47 2.64 -4.37
CA TYR A 288 -6.21 1.94 -4.31
C TYR A 288 -5.03 2.92 -4.34
N ALA A 289 -5.15 3.98 -5.16
CA ALA A 289 -4.13 4.98 -5.30
C ALA A 289 -3.86 5.67 -3.96
N ILE A 290 -4.93 5.90 -3.20
CA ILE A 290 -4.79 6.54 -1.88
C ILE A 290 -3.93 5.68 -0.94
N GLY A 291 -4.04 4.36 -1.08
CA GLY A 291 -3.14 3.43 -0.38
C GLY A 291 -1.70 3.59 -0.82
N MET A 292 -1.49 3.75 -2.12
CA MET A 292 -0.11 3.97 -2.66
C MET A 292 0.48 5.29 -2.16
N LEU A 293 -0.26 6.39 -2.23
CA LEU A 293 0.26 7.73 -1.90
C LEU A 293 -0.94 8.66 -1.63
N PHE A 294 -0.94 9.31 -0.48
CA PHE A 294 -2.07 10.11 -0.05
C PHE A 294 -1.68 11.58 0.11
N GLU A 295 -0.39 11.89 0.14
CA GLU A 295 0.02 13.24 0.51
C GLU A 295 -0.48 14.28 -0.52
N PRO A 296 -0.87 15.48 -0.05
CA PRO A 296 -1.31 16.51 -0.97
C PRO A 296 -0.27 16.94 -2.01
N HIS A 297 1.00 17.07 -1.63
CA HIS A 297 2.00 17.51 -2.60
C HIS A 297 2.17 16.51 -3.75
N LEU A 298 1.69 15.28 -3.60
CA LEU A 298 1.82 14.30 -4.68
C LEU A 298 0.50 14.17 -5.45
N GLY A 299 -0.36 15.17 -5.40
CA GLY A 299 -1.72 15.09 -5.97
C GLY A 299 -1.68 14.84 -7.47
N GLU A 300 -0.86 15.56 -8.23
CA GLU A 300 -0.86 15.35 -9.66
C GLU A 300 -0.36 13.96 -10.05
N VAL A 301 0.63 13.46 -9.35
CA VAL A 301 1.12 12.11 -9.58
C VAL A 301 0.03 11.09 -9.24
N ARG A 302 -0.68 11.33 -8.15
CA ARG A 302 -1.73 10.46 -7.69
C ARG A 302 -2.84 10.40 -8.76
N GLU A 303 -3.10 11.57 -9.35
CA GLU A 303 -4.21 11.54 -10.32
C GLU A 303 -3.77 10.73 -11.54
N MET A 304 -2.53 10.85 -11.92
CA MET A 304 -2.13 10.12 -13.09
C MET A 304 -2.09 8.62 -12.79
N GLU A 305 -1.60 8.21 -11.61
CA GLU A 305 -1.64 6.78 -11.22
C GLU A 305 -3.08 6.27 -11.23
N ALA A 306 -4.02 7.09 -10.77
CA ALA A 306 -5.40 6.67 -10.67
C ALA A 306 -6.00 6.54 -12.08
N LYS A 307 -5.60 7.41 -13.00
CA LYS A 307 -6.03 7.21 -14.41
C LYS A 307 -5.52 5.86 -14.94
N VAL A 308 -4.24 5.60 -14.72
CA VAL A 308 -3.68 4.40 -15.25
C VAL A 308 -4.41 3.21 -14.66
N GLY A 309 -4.63 3.25 -13.35
CA GLY A 309 -5.31 2.16 -12.69
C GLY A 309 -6.72 1.89 -13.23
N ALA A 310 -7.47 2.95 -13.46
CA ALA A 310 -8.82 2.82 -14.00
C ALA A 310 -8.76 2.13 -15.37
N LEU A 311 -7.73 2.46 -16.14
CA LEU A 311 -7.55 1.86 -17.46
C LEU A 311 -7.08 0.40 -17.36
N ILE A 312 -6.23 0.11 -16.41
CA ILE A 312 -5.81 -1.26 -16.20
C ILE A 312 -7.02 -2.17 -15.93
N THR A 313 -7.87 -1.77 -15.02
CA THR A 313 -8.97 -2.65 -14.64
C THR A 313 -9.96 -2.79 -15.80
N THR A 314 -10.22 -1.69 -16.51
CA THR A 314 -11.06 -1.70 -17.68
C THR A 314 -10.50 -2.64 -18.76
N ILE A 315 -9.24 -2.47 -19.14
CA ILE A 315 -8.66 -3.23 -20.21
C ILE A 315 -8.48 -4.70 -19.80
N ASP A 316 -8.18 -4.93 -18.55
CA ASP A 316 -8.16 -6.28 -18.04
C ASP A 316 -9.50 -7.02 -18.36
N ASP A 317 -10.61 -6.33 -18.09
CA ASP A 317 -11.93 -6.88 -18.49
C ASP A 317 -12.12 -7.05 -19.97
N VAL A 318 -11.56 -6.15 -20.77
CA VAL A 318 -11.58 -6.31 -22.20
C VAL A 318 -10.94 -7.67 -22.54
N TYR A 319 -9.80 -7.93 -21.93
CA TYR A 319 -9.03 -9.08 -22.29
C TYR A 319 -9.63 -10.33 -21.64
N ASP A 320 -10.26 -10.20 -20.47
CA ASP A 320 -10.74 -11.36 -19.70
C ASP A 320 -12.15 -11.73 -20.04
N VAL A 321 -12.98 -10.78 -20.41
CA VAL A 321 -14.40 -11.01 -20.51
C VAL A 321 -14.92 -10.71 -21.93
N TYR A 322 -14.42 -9.68 -22.59
CA TYR A 322 -15.20 -9.01 -23.62
C TYR A 322 -14.66 -9.28 -25.03
N GLY A 323 -13.36 -9.11 -25.26
CA GLY A 323 -12.83 -9.19 -26.59
C GLY A 323 -12.68 -10.62 -27.07
N THR A 324 -12.80 -10.77 -28.39
CA THR A 324 -12.42 -12.00 -29.08
C THR A 324 -10.90 -12.08 -29.20
N MET A 325 -10.37 -13.26 -29.49
CA MET A 325 -8.93 -13.40 -29.55
C MET A 325 -8.36 -12.52 -30.66
N GLU A 326 -9.03 -12.42 -31.79
CA GLU A 326 -8.51 -11.58 -32.88
C GLU A 326 -8.49 -10.09 -32.48
N GLU A 327 -9.52 -9.65 -31.76
CA GLU A 327 -9.61 -8.25 -31.28
C GLU A 327 -8.46 -7.96 -30.31
N LEU A 328 -8.15 -8.92 -29.45
CA LEU A 328 -7.13 -8.76 -28.45
C LEU A 328 -5.74 -8.76 -29.08
N GLU A 329 -5.54 -9.63 -30.06
CA GLU A 329 -4.29 -9.62 -30.79
C GLU A 329 -4.08 -8.28 -31.51
N LEU A 330 -5.13 -7.74 -32.11
CA LEU A 330 -5.01 -6.44 -32.74
C LEU A 330 -4.72 -5.37 -31.68
N PHE A 331 -5.44 -5.39 -30.56
CA PHE A 331 -5.22 -4.38 -29.50
C PHE A 331 -3.75 -4.41 -29.06
N THR A 332 -3.24 -5.63 -28.88
CA THR A 332 -1.86 -5.81 -28.41
C THR A 332 -0.86 -5.31 -29.45
N ASP A 333 -1.10 -5.60 -30.73
CA ASP A 333 -0.18 -5.21 -31.80
C ASP A 333 -0.16 -3.71 -32.00
N ILE A 334 -1.32 -3.08 -31.92
CA ILE A 334 -1.42 -1.60 -32.00
C ILE A 334 -0.58 -0.97 -30.88
N THR A 335 -0.68 -1.55 -29.69
CA THR A 335 -0.02 -1.01 -28.51
C THR A 335 1.48 -1.25 -28.62
N GLU A 336 1.88 -2.46 -29.04
CA GLU A 336 3.29 -2.81 -29.23
C GLU A 336 3.92 -1.84 -30.22
N ARG A 337 3.20 -1.45 -31.26
CA ARG A 337 3.79 -0.60 -32.32
C ARG A 337 3.52 0.88 -32.01
N TRP A 338 2.65 1.17 -31.02
CA TRP A 338 2.17 2.53 -30.74
C TRP A 338 1.68 3.18 -32.04
N ASP A 339 0.78 2.48 -32.71
CA ASP A 339 0.40 2.82 -34.08
C ASP A 339 -1.05 2.52 -34.22
N ILE A 340 -1.85 3.56 -34.26
CA ILE A 340 -3.33 3.40 -34.24
C ILE A 340 -3.98 3.40 -35.65
N ASN A 341 -3.27 3.09 -36.69
CA ASN A 341 -3.87 3.07 -38.04
C ASN A 341 -5.03 2.08 -38.15
N ARG A 342 -4.90 0.90 -37.57
CA ARG A 342 -5.96 -0.13 -37.73
C ARG A 342 -6.98 -0.06 -36.59
N VAL A 343 -7.00 1.00 -35.82
CA VAL A 343 -7.87 1.05 -34.64
C VAL A 343 -9.36 0.92 -35.00
N ASP A 344 -9.80 1.41 -36.14
CA ASP A 344 -11.18 1.32 -36.51
C ASP A 344 -11.72 -0.12 -36.73
N GLN A 345 -10.84 -1.07 -36.90
CA GLN A 345 -11.21 -2.49 -37.01
C GLN A 345 -11.75 -3.04 -35.68
N LEU A 346 -11.54 -2.33 -34.57
CA LEU A 346 -12.02 -2.81 -33.33
C LEU A 346 -13.40 -2.23 -33.12
N PRO A 347 -14.27 -2.99 -32.46
CA PRO A 347 -15.56 -2.40 -32.14
C PRO A 347 -15.45 -1.24 -31.13
N ARG A 348 -16.47 -0.41 -31.12
CA ARG A 348 -16.56 0.82 -30.30
C ARG A 348 -16.15 0.57 -28.85
N ASN A 349 -16.68 -0.45 -28.22
CA ASN A 349 -16.43 -0.73 -26.77
C ASN A 349 -15.00 -1.19 -26.49
N ILE A 350 -14.21 -1.54 -27.47
CA ILE A 350 -12.79 -1.91 -27.33
C ILE A 350 -11.95 -0.78 -27.92
N ARG A 351 -12.39 -0.16 -28.99
CA ARG A 351 -11.64 0.97 -29.57
C ARG A 351 -11.53 2.11 -28.55
N MET A 352 -12.56 2.38 -27.80
CA MET A 352 -12.56 3.52 -26.86
C MET A 352 -11.55 3.28 -25.72
N PRO A 353 -11.59 2.14 -25.08
CA PRO A 353 -10.56 1.88 -24.07
C PRO A 353 -9.14 1.97 -24.66
N LEU A 354 -8.93 1.41 -25.83
CA LEU A 354 -7.57 1.47 -26.44
C LEU A 354 -7.15 2.92 -26.65
N LEU A 355 -7.97 3.73 -27.28
CA LEU A 355 -7.54 5.12 -27.54
C LEU A 355 -7.40 5.89 -26.23
N THR A 356 -8.22 5.59 -25.24
CA THR A 356 -8.06 6.30 -24.00
C THR A 356 -6.71 5.90 -23.36
N MET A 357 -6.38 4.61 -23.35
CA MET A 357 -5.06 4.17 -22.89
C MET A 357 -3.95 4.91 -23.66
N PHE A 358 -4.05 4.98 -24.98
CA PHE A 358 -3.08 5.63 -25.83
C PHE A 358 -2.96 7.12 -25.47
N ASN A 359 -4.09 7.81 -25.48
CA ASN A 359 -4.09 9.24 -25.18
C ASN A 359 -3.55 9.53 -23.76
N THR A 360 -3.98 8.79 -22.76
CA THR A 360 -3.57 9.03 -21.38
C THR A 360 -2.07 8.73 -21.20
N SER A 361 -1.57 7.68 -21.85
CA SER A 361 -0.15 7.33 -21.85
C SER A 361 0.66 8.48 -22.45
N ASN A 362 0.19 9.02 -23.57
CA ASN A 362 0.89 10.14 -24.19
C ASN A 362 0.82 11.36 -23.27
N ASP A 363 -0.35 11.60 -22.64
CA ASP A 363 -0.49 12.74 -21.72
C ASP A 363 0.51 12.65 -20.54
N ILE A 364 0.67 11.46 -20.01
CA ILE A 364 1.49 11.25 -18.83
C ILE A 364 2.96 11.37 -19.23
N GLY A 365 3.36 10.79 -20.34
CA GLY A 365 4.74 10.98 -20.85
C GLY A 365 5.03 12.45 -21.13
N TYR A 366 4.05 13.13 -21.69
CA TYR A 366 4.17 14.57 -21.94
C TYR A 366 4.34 15.34 -20.62
N TRP A 367 3.55 15.02 -19.59
CA TRP A 367 3.71 15.66 -18.29
C TRP A 367 5.16 15.54 -17.83
N ALA A 368 5.72 14.37 -18.01
CA ALA A 368 7.13 14.18 -17.66
C ALA A 368 8.02 15.13 -18.46
N LEU A 369 7.73 15.33 -19.73
CA LEU A 369 8.58 16.22 -20.53
C LEU A 369 8.45 17.65 -20.01
N LYS A 370 7.21 18.09 -19.84
CA LYS A 370 6.92 19.47 -19.48
C LYS A 370 7.47 19.77 -18.07
N GLU A 371 7.14 18.90 -17.13
CA GLU A 371 7.39 19.16 -15.73
C GLU A 371 8.77 18.65 -15.30
N ARG A 372 9.23 17.53 -15.83
CA ARG A 372 10.44 16.89 -15.31
C ARG A 372 11.62 16.95 -16.28
N GLY A 373 11.39 17.41 -17.50
CA GLY A 373 12.45 17.57 -18.47
C GLY A 373 12.68 16.33 -19.31
N PHE A 374 11.79 15.35 -19.25
CA PHE A 374 12.11 14.07 -19.86
C PHE A 374 10.86 13.46 -20.49
N ASN A 375 10.93 13.18 -21.79
CA ASN A 375 9.77 12.62 -22.48
C ASN A 375 9.56 11.17 -22.02
N GLY A 376 8.44 10.90 -21.36
CA GLY A 376 8.21 9.61 -20.77
C GLY A 376 7.36 8.69 -21.66
N ILE A 377 6.97 9.15 -22.85
CA ILE A 377 6.04 8.40 -23.69
C ILE A 377 6.62 7.03 -24.06
N PRO A 378 7.93 6.94 -24.29
CA PRO A 378 8.45 5.62 -24.64
C PRO A 378 8.25 4.62 -23.50
N TYR A 379 8.23 5.12 -22.26
CA TYR A 379 8.14 4.23 -21.09
C TYR A 379 6.70 3.88 -20.73
N THR A 380 5.78 4.83 -20.82
CA THR A 380 4.37 4.50 -20.68
C THR A 380 3.93 3.54 -21.80
N ALA A 381 4.41 3.76 -23.02
CA ALA A 381 3.99 2.85 -24.13
C ALA A 381 4.54 1.45 -23.83
N LYS A 382 5.80 1.40 -23.44
CA LYS A 382 6.45 0.09 -23.22
C LYS A 382 5.72 -0.66 -22.11
N VAL A 383 5.40 -0.04 -20.97
CA VAL A 383 4.84 -0.85 -19.88
C VAL A 383 3.43 -1.31 -20.28
N TRP A 384 2.70 -0.51 -21.05
CA TRP A 384 1.39 -0.96 -21.54
C TRP A 384 1.55 -2.14 -22.50
N ALA A 385 2.52 -2.07 -23.39
CA ALA A 385 2.78 -3.17 -24.31
C ALA A 385 3.15 -4.44 -23.53
N ASP A 386 4.03 -4.32 -22.55
CA ASP A 386 4.39 -5.49 -21.74
C ASP A 386 3.15 -6.06 -21.03
N GLN A 387 2.31 -5.19 -20.50
CA GLN A 387 1.17 -5.64 -19.78
C GLN A 387 0.17 -6.34 -20.71
N LEU A 388 -0.06 -5.84 -21.93
CA LEU A 388 -1.00 -6.50 -22.80
C LEU A 388 -0.43 -7.83 -23.30
N LYS A 389 0.89 -7.91 -23.49
CA LYS A 389 1.53 -9.14 -23.81
C LYS A 389 1.25 -10.17 -22.71
N SER A 390 1.30 -9.71 -21.46
CA SER A 390 1.10 -10.63 -20.34
C SER A 390 -0.37 -11.07 -20.33
N TYR A 391 -1.30 -10.17 -20.68
CA TYR A 391 -2.71 -10.54 -20.77
C TYR A 391 -2.93 -11.54 -21.90
N THR A 392 -2.21 -11.32 -22.99
CA THR A 392 -2.35 -12.12 -24.19
C THR A 392 -1.87 -13.53 -23.85
N LYS A 393 -0.79 -13.66 -23.10
CA LYS A 393 -0.28 -15.00 -22.72
C LYS A 393 -1.28 -15.76 -21.83
N GLU A 394 -1.93 -15.05 -20.90
CA GLU A 394 -2.96 -15.64 -20.02
C GLU A 394 -4.16 -16.10 -20.87
N ALA A 395 -4.58 -15.27 -21.82
CA ALA A 395 -5.72 -15.60 -22.69
C ALA A 395 -5.37 -16.82 -23.57
N LYS A 396 -4.10 -16.97 -23.95
CA LYS A 396 -3.70 -18.13 -24.78
C LYS A 396 -3.65 -19.41 -23.95
N TRP A 397 -3.14 -19.31 -22.73
CA TRP A 397 -3.22 -20.43 -21.81
C TRP A 397 -4.66 -20.87 -21.62
N PHE A 398 -5.56 -19.92 -21.50
CA PHE A 398 -6.93 -20.29 -21.22
C PHE A 398 -7.53 -21.05 -22.42
N HIS A 399 -7.40 -20.42 -23.59
CA HIS A 399 -7.93 -20.90 -24.89
C HIS A 399 -7.35 -22.29 -25.23
N GLU A 400 -6.11 -22.55 -24.84
CA GLU A 400 -5.41 -23.80 -25.16
C GLU A 400 -5.40 -24.80 -24.00
N GLY A 401 -5.96 -24.45 -22.85
CA GLY A 401 -6.09 -25.39 -21.73
C GLY A 401 -4.76 -25.70 -21.04
N HIS A 402 -3.84 -24.74 -21.06
CA HIS A 402 -2.53 -24.94 -20.45
C HIS A 402 -2.61 -24.71 -18.94
N LYS A 403 -1.96 -25.59 -18.16
CA LYS A 403 -1.75 -25.42 -16.72
C LYS A 403 -0.30 -25.01 -16.42
N PRO A 404 -0.03 -23.70 -16.26
CA PRO A 404 1.32 -23.35 -15.91
C PRO A 404 1.68 -23.86 -14.51
N THR A 405 2.98 -24.02 -14.26
CA THR A 405 3.50 -24.18 -12.92
C THR A 405 3.29 -22.87 -12.16
N LEU A 406 3.48 -22.87 -10.84
CA LEU A 406 3.37 -21.64 -10.09
C LEU A 406 4.42 -20.63 -10.57
N GLU A 407 5.67 -21.03 -10.79
CA GLU A 407 6.70 -20.11 -11.20
C GLU A 407 6.41 -19.50 -12.57
N GLU A 408 5.98 -20.31 -13.50
CA GLU A 408 5.61 -19.89 -14.84
C GLU A 408 4.43 -18.91 -14.76
N TYR A 409 3.46 -19.22 -13.91
CA TYR A 409 2.35 -18.33 -13.78
C TYR A 409 2.83 -16.99 -13.19
N LEU A 410 3.60 -17.02 -12.10
CA LEU A 410 3.94 -15.79 -11.39
C LEU A 410 4.84 -14.90 -12.26
N GLU A 411 5.66 -15.51 -13.11
CA GLU A 411 6.58 -14.74 -13.94
C GLU A 411 5.78 -13.82 -14.86
N ASN A 412 4.65 -14.31 -15.31
CA ASN A 412 3.78 -13.53 -16.16
C ASN A 412 2.82 -12.68 -15.32
N ALA A 413 2.30 -13.24 -14.24
CA ALA A 413 1.22 -12.63 -13.46
C ALA A 413 1.69 -11.43 -12.64
N LEU A 414 2.97 -11.36 -12.26
CA LEU A 414 3.50 -10.16 -11.63
C LEU A 414 3.48 -8.98 -12.62
N VAL A 415 3.46 -9.26 -13.91
CA VAL A 415 3.25 -8.20 -14.90
C VAL A 415 1.74 -7.96 -15.10
N SER A 416 0.96 -9.02 -15.27
CA SER A 416 -0.45 -8.83 -15.60
C SER A 416 -1.23 -8.09 -14.49
N ILE A 417 -0.77 -8.19 -13.25
CA ILE A 417 -1.44 -7.52 -12.12
C ILE A 417 -1.42 -5.98 -12.35
N GLY A 418 -0.46 -5.45 -13.10
CA GLY A 418 -0.43 -4.04 -13.48
C GLY A 418 0.56 -3.19 -12.70
N PHE A 419 1.23 -3.77 -11.69
CA PHE A 419 2.09 -2.97 -10.84
C PHE A 419 3.44 -2.59 -11.47
N PRO A 420 4.01 -3.37 -12.39
CA PRO A 420 5.16 -2.81 -13.11
C PRO A 420 4.80 -1.48 -13.83
N ASN A 421 3.66 -1.49 -14.51
CA ASN A 421 3.10 -0.32 -15.19
C ASN A 421 2.91 0.81 -14.19
N LEU A 422 2.18 0.55 -13.08
CA LEU A 422 1.95 1.63 -12.11
C LEU A 422 3.26 2.12 -11.48
N LEU A 423 4.15 1.20 -11.16
CA LEU A 423 5.38 1.60 -10.44
C LEU A 423 6.39 2.28 -11.37
N VAL A 424 6.58 1.78 -12.57
CA VAL A 424 7.48 2.43 -13.50
C VAL A 424 6.93 3.83 -13.79
N THR A 425 5.62 3.92 -13.96
CA THR A 425 5.05 5.23 -14.21
C THR A 425 5.34 6.19 -13.04
N SER A 426 5.19 5.69 -11.81
CA SER A 426 5.35 6.53 -10.62
C SER A 426 6.80 7.01 -10.52
N TYR A 427 7.70 6.16 -10.96
CA TYR A 427 9.13 6.51 -10.91
C TYR A 427 9.45 7.60 -11.95
N LEU A 428 8.96 7.39 -13.17
CA LEU A 428 9.02 8.37 -14.24
C LEU A 428 8.63 9.76 -13.74
N LEU A 429 7.54 9.85 -12.98
CA LEU A 429 6.92 11.12 -12.63
C LEU A 429 7.63 11.79 -11.46
N THR A 430 8.43 11.06 -10.67
CA THR A 430 8.92 11.56 -9.38
C THR A 430 10.44 11.55 -9.25
N VAL A 431 11.15 10.74 -10.02
CA VAL A 431 12.59 10.61 -9.83
C VAL A 431 13.22 11.97 -10.15
N ASP A 432 14.24 12.35 -9.38
CA ASP A 432 14.96 13.57 -9.66
C ASP A 432 15.94 13.26 -10.80
N ASN A 433 16.00 14.15 -11.79
CA ASN A 433 16.98 14.02 -12.89
C ASN A 433 16.76 12.72 -13.68
N PRO A 434 15.54 12.54 -14.18
CA PRO A 434 15.26 11.34 -14.93
C PRO A 434 16.17 11.23 -16.16
N THR A 435 16.63 10.03 -16.43
CA THR A 435 17.39 9.67 -17.61
C THR A 435 16.87 8.35 -18.20
N LYS A 436 17.27 8.05 -19.42
CA LYS A 436 17.01 6.76 -20.03
C LYS A 436 17.67 5.65 -19.20
N GLU A 437 18.90 5.85 -18.70
CA GLU A 437 19.56 4.85 -17.92
C GLU A 437 18.71 4.55 -16.68
N LYS A 438 18.20 5.57 -16.04
CA LYS A 438 17.48 5.33 -14.79
C LYS A 438 16.16 4.60 -15.11
N LEU A 439 15.46 5.02 -16.15
CA LEU A 439 14.15 4.46 -16.46
C LEU A 439 14.32 3.00 -16.91
N ASP A 440 15.37 2.73 -17.70
CA ASP A 440 15.67 1.39 -18.12
C ASP A 440 15.92 0.46 -16.94
N TYR A 441 16.60 0.93 -15.89
CA TYR A 441 16.86 0.11 -14.72
C TYR A 441 15.57 -0.25 -13.97
N VAL A 442 14.74 0.76 -13.66
CA VAL A 442 13.45 0.49 -12.95
C VAL A 442 12.57 -0.40 -13.83
N ASP A 443 12.57 -0.18 -15.13
CA ASP A 443 11.74 -0.96 -16.06
C ASP A 443 12.23 -2.40 -16.20
N SER A 444 13.48 -2.68 -15.83
CA SER A 444 14.02 -4.06 -15.88
C SER A 444 13.56 -4.88 -14.66
N LEU A 445 12.86 -4.24 -13.72
CA LEU A 445 12.30 -4.84 -12.46
C LEU A 445 13.39 -5.56 -11.67
N PRO A 446 14.25 -4.76 -11.07
CA PRO A 446 15.16 -5.26 -10.07
C PRO A 446 14.36 -5.81 -8.88
N LEU A 447 15.06 -6.58 -8.06
CA LEU A 447 14.41 -7.38 -7.06
C LEU A 447 13.43 -6.52 -6.25
N PHE A 448 13.86 -5.35 -5.77
CA PHE A 448 13.01 -4.52 -4.88
C PHE A 448 11.63 -4.30 -5.52
N VAL A 449 11.65 -3.94 -6.80
CA VAL A 449 10.42 -3.66 -7.53
C VAL A 449 9.66 -4.96 -7.82
N ARG A 450 10.36 -5.99 -8.24
CA ARG A 450 9.75 -7.25 -8.59
C ARG A 450 9.06 -7.89 -7.37
N ALA A 451 9.70 -7.78 -6.20
CA ALA A 451 9.11 -8.25 -4.95
C ALA A 451 7.73 -7.63 -4.74
N SER A 452 7.67 -6.32 -4.93
CA SER A 452 6.43 -5.60 -4.74
C SER A 452 5.35 -6.12 -5.71
N CYS A 453 5.71 -6.26 -6.97
CA CYS A 453 4.78 -6.71 -7.98
C CYS A 453 4.29 -8.15 -7.69
N ILE A 454 5.20 -9.03 -7.29
CA ILE A 454 4.82 -10.42 -6.94
C ILE A 454 3.87 -10.43 -5.75
N LEU A 455 4.20 -9.62 -4.74
CA LEU A 455 3.32 -9.53 -3.56
C LEU A 455 1.90 -9.08 -3.94
N CYS A 456 1.79 -7.98 -4.68
CA CYS A 456 0.47 -7.45 -5.12
C CYS A 456 -0.34 -8.53 -5.85
N ARG A 457 0.32 -9.32 -6.67
CA ARG A 457 -0.35 -10.41 -7.41
C ARG A 457 -0.77 -11.52 -6.45
N ILE A 458 0.13 -12.05 -5.64
CA ILE A 458 -0.27 -13.19 -4.78
C ILE A 458 -1.27 -12.74 -3.72
N ILE A 459 -1.14 -11.56 -3.18
CA ILE A 459 -2.15 -11.04 -2.19
C ILE A 459 -3.50 -11.01 -2.88
N ASN A 460 -3.56 -10.48 -4.07
CA ASN A 460 -4.82 -10.43 -4.82
C ASN A 460 -5.36 -11.86 -5.01
N ASP A 461 -4.52 -12.79 -5.40
CA ASP A 461 -4.94 -14.17 -5.62
C ASP A 461 -5.45 -14.85 -4.35
N LEU A 462 -4.88 -14.51 -3.22
CA LEU A 462 -5.29 -15.11 -1.92
C LEU A 462 -6.63 -14.50 -1.50
N GLY A 463 -6.94 -13.34 -2.01
CA GLY A 463 -8.12 -12.56 -1.62
C GLY A 463 -9.38 -13.16 -2.19
N THR A 464 -9.23 -14.08 -3.15
CA THR A 464 -10.31 -14.94 -3.64
C THR A 464 -10.45 -16.16 -2.72
N LEU A 475 -5.73 -21.30 -13.37
CA LEU A 475 -5.87 -19.85 -13.52
C LEU A 475 -4.90 -19.08 -12.60
N LYS A 476 -4.93 -19.26 -11.26
CA LYS A 476 -4.33 -18.30 -10.32
C LYS A 476 -3.35 -19.05 -9.41
N SER A 477 -2.71 -18.30 -8.49
CA SER A 477 -1.63 -18.79 -7.63
C SER A 477 -1.97 -20.14 -6.98
N ILE A 478 -3.04 -20.17 -6.20
CA ILE A 478 -3.31 -21.35 -5.38
C ILE A 478 -3.49 -22.55 -6.32
N GLN A 479 -4.31 -22.39 -7.35
CA GLN A 479 -4.70 -23.53 -8.22
C GLN A 479 -3.50 -24.03 -9.01
N CYS A 480 -2.60 -23.11 -9.38
CA CYS A 480 -1.39 -23.50 -10.09
C CYS A 480 -0.52 -24.38 -9.18
N TYR A 481 -0.42 -24.00 -7.92
CA TYR A 481 0.45 -24.72 -7.02
C TYR A 481 -0.19 -26.07 -6.70
N MET A 482 -1.52 -26.07 -6.64
CA MET A 482 -2.28 -27.32 -6.53
C MET A 482 -1.98 -28.23 -7.73
N ASN A 483 -2.07 -27.69 -8.94
CA ASN A 483 -1.84 -28.46 -10.15
C ASN A 483 -0.42 -29.01 -10.18
N GLU A 484 0.53 -28.23 -9.70
CA GLU A 484 1.92 -28.58 -9.83
C GLU A 484 2.31 -29.66 -8.82
N THR A 485 1.78 -29.60 -7.60
CA THR A 485 2.28 -30.46 -6.51
C THR A 485 1.22 -31.47 -6.04
N GLY A 486 -0.02 -31.34 -6.49
CA GLY A 486 -1.13 -32.11 -5.93
C GLY A 486 -1.51 -31.70 -4.52
N ALA A 487 -1.06 -30.55 -4.02
CA ALA A 487 -1.45 -30.11 -2.67
C ALA A 487 -2.96 -29.87 -2.61
N SER A 488 -3.54 -30.02 -1.42
CA SER A 488 -4.89 -29.53 -1.17
C SER A 488 -4.94 -28.00 -1.31
N GLN A 489 -6.16 -27.46 -1.36
CA GLN A 489 -6.38 -26.03 -1.33
C GLN A 489 -5.75 -25.46 -0.05
N GLU A 490 -6.03 -26.09 1.09
CA GLU A 490 -5.59 -25.57 2.37
C GLU A 490 -4.06 -25.46 2.41
N VAL A 491 -3.38 -26.51 1.97
CA VAL A 491 -1.93 -26.56 2.01
C VAL A 491 -1.39 -25.59 0.94
N ALA A 492 -2.07 -25.52 -0.20
CA ALA A 492 -1.57 -24.65 -1.26
C ALA A 492 -1.68 -23.20 -0.81
N ARG A 493 -2.82 -22.86 -0.18
CA ARG A 493 -3.01 -21.52 0.37
C ARG A 493 -1.92 -21.25 1.41
N GLU A 494 -1.57 -22.21 2.25
CA GLU A 494 -0.53 -21.95 3.27
C GLU A 494 0.82 -21.69 2.60
N HIS A 495 1.08 -22.42 1.53
CA HIS A 495 2.30 -22.20 0.76
C HIS A 495 2.34 -20.74 0.25
N ILE A 496 1.23 -20.26 -0.31
CA ILE A 496 1.22 -18.94 -0.97
C ILE A 496 1.34 -17.90 0.14
N GLU A 497 0.75 -18.17 1.31
CA GLU A 497 0.87 -17.27 2.46
C GLU A 497 2.34 -17.17 2.90
N GLY A 498 3.07 -18.27 2.79
CA GLY A 498 4.49 -18.30 3.13
C GLY A 498 5.32 -17.45 2.18
N LEU A 499 4.91 -17.45 0.92
CA LEU A 499 5.54 -16.65 -0.10
C LEU A 499 5.30 -15.16 0.20
N VAL A 500 4.11 -14.81 0.66
CA VAL A 500 3.86 -13.42 1.11
C VAL A 500 4.87 -13.06 2.21
N ARG A 501 5.10 -13.94 3.18
CA ARG A 501 5.96 -13.55 4.30
C ARG A 501 7.41 -13.41 3.81
N MET A 502 7.79 -14.31 2.92
CA MET A 502 9.15 -14.35 2.38
C MET A 502 9.44 -13.08 1.56
N TRP A 503 8.54 -12.73 0.64
CA TRP A 503 8.78 -11.54 -0.19
C TRP A 503 8.78 -10.26 0.66
N TRP A 504 7.95 -10.22 1.71
CA TRP A 504 8.00 -9.09 2.63
C TRP A 504 9.39 -9.00 3.29
N LYS A 505 9.91 -10.13 3.73
CA LYS A 505 11.22 -10.10 4.35
C LYS A 505 12.28 -9.52 3.41
N ARG A 506 12.17 -9.87 2.14
CA ARG A 506 13.08 -9.34 1.11
C ARG A 506 12.88 -7.84 0.88
N LEU A 507 11.63 -7.42 0.82
CA LEU A 507 11.37 -5.97 0.80
C LEU A 507 11.99 -5.27 2.01
N ASN A 508 11.85 -5.82 3.21
CA ASN A 508 12.28 -5.17 4.38
C ASN A 508 13.80 -4.94 4.30
N LYS A 509 14.47 -5.99 3.86
CA LYS A 509 15.92 -5.96 3.86
C LYS A 509 16.41 -5.01 2.77
N CYS A 510 15.76 -5.06 1.63
CA CYS A 510 16.14 -4.14 0.56
C CYS A 510 16.09 -2.70 1.10
N LEU A 511 15.26 -2.45 2.11
CA LEU A 511 15.09 -1.07 2.65
C LEU A 511 16.25 -0.66 3.55
N PHE A 512 16.99 -1.57 4.11
CA PHE A 512 18.17 -1.16 4.91
C PHE A 512 19.42 -1.13 4.06
N GLU A 513 19.29 -1.53 2.84
CA GLU A 513 20.49 -1.50 2.03
C GLU A 513 20.42 -0.22 1.21
N PRO A 514 21.55 0.23 0.76
CA PRO A 514 21.62 1.34 -0.16
C PRO A 514 20.86 0.95 -1.44
N SER A 515 20.24 1.93 -2.01
CA SER A 515 19.43 1.75 -3.20
C SER A 515 19.74 2.88 -4.17
N PRO A 516 19.62 2.62 -5.47
CA PRO A 516 19.63 3.67 -6.44
C PRO A 516 18.32 4.47 -6.43
N PHE A 517 17.33 3.99 -5.70
CA PHE A 517 16.03 4.65 -5.56
C PHE A 517 15.99 5.55 -4.33
N THR A 518 15.17 6.58 -4.39
CA THR A 518 14.96 7.52 -3.29
C THR A 518 13.46 7.60 -2.95
N GLU A 519 13.11 8.37 -1.93
CA GLU A 519 11.68 8.82 -1.77
C GLU A 519 11.31 9.76 -2.93
N PRO A 520 10.07 9.68 -3.39
CA PRO A 520 8.99 8.92 -2.75
C PRO A 520 8.83 7.49 -3.32
N PHE A 521 9.59 7.17 -4.36
CA PHE A 521 9.46 5.85 -5.02
C PHE A 521 9.65 4.70 -4.02
N LEU A 522 10.61 4.85 -3.10
CA LEU A 522 10.83 3.79 -2.09
C LEU A 522 9.53 3.50 -1.33
N SER A 523 8.78 4.54 -0.99
CA SER A 523 7.53 4.39 -0.23
C SER A 523 6.43 3.82 -1.17
N PHE A 524 6.42 4.25 -2.43
CA PHE A 524 5.38 3.74 -3.36
C PHE A 524 5.44 2.21 -3.38
N THR A 525 6.65 1.72 -3.42
CA THR A 525 6.89 0.31 -3.66
C THR A 525 6.34 -0.52 -2.50
N ILE A 526 6.48 -0.01 -1.29
CA ILE A 526 5.93 -0.70 -0.11
C ILE A 526 4.42 -0.48 -0.08
N ASN A 527 4.02 0.76 -0.30
CA ASN A 527 2.63 1.13 -0.06
C ASN A 527 1.67 0.49 -1.06
N VAL A 528 2.08 0.16 -2.29
CA VAL A 528 1.16 -0.62 -3.17
C VAL A 528 0.87 -1.98 -2.54
N VAL A 529 1.81 -2.56 -1.81
CA VAL A 529 1.59 -3.87 -1.18
C VAL A 529 0.57 -3.73 -0.04
N ARG A 530 0.73 -2.69 0.77
CA ARG A 530 -0.22 -2.39 1.87
C ARG A 530 -1.64 -2.14 1.34
N GLY A 531 -1.74 -1.43 0.24
CA GLY A 531 -2.99 -1.23 -0.48
C GLY A 531 -3.62 -2.55 -0.89
N SER A 532 -2.80 -3.48 -1.38
CA SER A 532 -3.26 -4.79 -1.79
C SER A 532 -3.79 -5.59 -0.59
N HIS A 533 -3.04 -5.61 0.49
CA HIS A 533 -3.50 -6.31 1.70
C HIS A 533 -4.86 -5.76 2.13
N PHE A 534 -4.97 -4.45 2.12
CA PHE A 534 -6.10 -3.77 2.74
C PHE A 534 -7.38 -4.06 1.96
N PHE A 535 -7.25 -4.19 0.65
CA PHE A 535 -8.42 -4.37 -0.20
C PHE A 535 -8.64 -5.84 -0.55
N TYR A 536 -7.77 -6.74 -0.08
CA TYR A 536 -7.95 -8.16 -0.35
C TYR A 536 -7.91 -9.00 0.93
N GLN A 537 -8.55 -8.53 1.99
CA GLN A 537 -8.70 -9.33 3.23
C GLN A 537 -9.73 -10.45 3.01
N TYR A 538 -9.50 -11.62 3.62
CA TYR A 538 -10.36 -12.81 3.44
C TYR A 538 -10.80 -13.33 4.81
N ASN A 544 -20.51 -8.01 4.04
CA ASN A 544 -20.59 -7.54 2.67
C ASN A 544 -19.30 -6.81 2.27
N ALA A 545 -18.66 -7.27 1.18
CA ALA A 545 -17.47 -6.60 0.60
C ALA A 545 -17.86 -5.21 0.10
N GLU A 546 -19.05 -5.13 -0.49
CA GLU A 546 -19.59 -3.89 -1.02
C GLU A 546 -19.71 -2.85 0.09
N SER A 547 -20.41 -3.19 1.16
CA SER A 547 -20.68 -2.19 2.17
C SER A 547 -19.41 -1.87 2.96
N TRP A 548 -18.49 -2.82 3.12
CA TRP A 548 -17.19 -2.54 3.78
C TRP A 548 -16.39 -1.53 2.95
N THR A 549 -16.34 -1.77 1.65
CA THR A 549 -15.64 -0.89 0.72
C THR A 549 -16.24 0.51 0.74
N LYS A 550 -17.55 0.61 0.54
CA LYS A 550 -18.22 1.90 0.51
C LYS A 550 -17.96 2.64 1.83
N ASN A 551 -18.08 1.95 2.97
CA ASN A 551 -17.80 2.57 4.26
C ASN A 551 -16.36 3.11 4.26
N GLN A 552 -15.40 2.36 3.74
CA GLN A 552 -14.01 2.91 3.72
C GLN A 552 -13.96 4.17 2.86
N GLY A 553 -14.57 4.13 1.67
CA GLY A 553 -14.52 5.26 0.78
C GLY A 553 -15.21 6.49 1.36
N MET A 554 -16.38 6.29 1.94
CA MET A 554 -17.14 7.39 2.50
C MET A 554 -16.37 7.96 3.70
N SER A 555 -15.85 7.11 4.56
CA SER A 555 -15.25 7.65 5.81
C SER A 555 -13.88 8.28 5.52
N VAL A 556 -13.20 7.79 4.51
CA VAL A 556 -11.87 8.32 4.23
C VAL A 556 -11.94 9.46 3.22
N LEU A 557 -12.84 9.42 2.21
CA LEU A 557 -12.74 10.43 1.14
C LEU A 557 -13.90 11.44 1.19
N ILE A 558 -15.05 11.04 1.74
CA ILE A 558 -16.28 11.84 1.57
C ILE A 558 -16.59 12.62 2.87
N HIS A 559 -16.70 11.97 4.02
CA HIS A 559 -17.12 12.68 5.24
C HIS A 559 -15.92 13.26 6.00
N PRO A 560 -15.97 14.56 6.29
CA PRO A 560 -14.92 15.08 7.14
C PRO A 560 -15.10 14.58 8.57
N ILE A 561 -14.04 14.67 9.34
CA ILE A 561 -14.09 14.42 10.77
C ILE A 561 -14.67 15.67 11.47
N THR A 562 -15.65 15.44 12.31
CA THR A 562 -16.26 16.53 13.07
C THR A 562 -15.20 17.16 14.00
N LEU A 563 -15.06 18.48 13.91
CA LEU A 563 -14.24 19.22 14.85
C LEU A 563 -15.16 19.95 15.84
N ASP A 564 -14.87 19.86 17.13
CA ASP A 564 -15.47 20.78 18.13
C ASP A 564 -14.78 22.13 18.14
#